data_3ZQS
#
_entry.id   3ZQS
#
_cell.length_a   147.600
_cell.length_b   102.520
_cell.length_c   65.760
_cell.angle_alpha   90.00
_cell.angle_beta   94.09
_cell.angle_gamma   90.00
#
_symmetry.space_group_name_H-M   'C 1 2 1'
#
loop_
_entity.id
_entity.type
_entity.pdbx_description
1 polymer 'E3 UBIQUITIN-PROTEIN LIGASE FANCL'
2 non-polymer PROLINE
3 non-polymer 'HEXAETHYLENE GLYCOL'
4 non-polymer 'SODIUM ION'
5 water water
#
_entity_poly.entity_id   1
_entity_poly.type   'polypeptide(L)'
_entity_poly.pdbx_seq_one_letter_code
;QFYSSLIEEIGTLGWDKLVYADTCFSTIKLKAEDASGREHLITLKLKAKYPAESPDYFVDFPVPFCASWTPQSSLISIYS
QFLAAIESLKAFWDVMDEIDEKTWVLEPEKPPRSATARRIALGNNVSINIEVDPRHPTMLPECFFLGADHVVKPLGIKLS
RNIHLWDPENSVLQNLKDVLEIDFPA
;
_entity_poly.pdbx_strand_id   A,B
#
# COMPACT_ATOMS: atom_id res chain seq x y z
N GLN A 1 21.38 -15.11 30.32
CA GLN A 1 20.95 -15.33 28.93
C GLN A 1 22.05 -14.83 27.98
N PHE A 2 22.37 -15.60 26.94
CA PHE A 2 23.42 -15.12 26.02
C PHE A 2 22.86 -14.05 25.08
N TYR A 3 21.80 -14.40 24.36
CA TYR A 3 21.22 -13.49 23.38
C TYR A 3 20.33 -12.44 24.03
N SER A 4 20.24 -11.26 23.42
CA SER A 4 19.18 -10.36 23.84
C SER A 4 17.85 -11.01 23.54
N SER A 5 16.83 -10.33 23.98
CA SER A 5 15.44 -10.70 23.80
C SER A 5 14.86 -9.83 22.68
N LEU A 6 15.70 -9.05 22.01
CA LEU A 6 15.23 -8.16 20.93
C LEU A 6 14.54 -8.95 19.83
N ILE A 7 15.17 -10.04 19.44
CA ILE A 7 14.61 -10.84 18.35
C ILE A 7 13.28 -11.49 18.74
N GLU A 8 13.16 -11.92 19.99
CA GLU A 8 11.91 -12.50 20.46
C GLU A 8 10.83 -11.43 20.43
N GLU A 9 11.20 -10.23 20.84
CA GLU A 9 10.24 -9.15 20.85
C GLU A 9 9.79 -8.78 19.44
N ILE A 10 10.70 -8.83 18.48
CA ILE A 10 10.30 -8.45 17.13
C ILE A 10 9.32 -9.51 16.62
N GLY A 11 9.62 -10.77 16.93
CA GLY A 11 8.70 -11.85 16.59
C GLY A 11 7.31 -11.65 17.15
N THR A 12 7.21 -11.20 18.39
CA THR A 12 5.93 -10.95 19.04
C THR A 12 5.20 -9.82 18.35
N LEU A 13 5.97 -8.81 17.94
CA LEU A 13 5.43 -7.66 17.26
C LEU A 13 4.92 -8.08 15.89
N GLY A 14 5.66 -8.99 15.26
CA GLY A 14 5.34 -9.38 13.90
C GLY A 14 6.43 -8.85 12.98
N TRP A 15 7.07 -9.74 12.23
CA TRP A 15 8.16 -9.32 11.38
C TRP A 15 7.67 -8.35 10.31
N ASP A 16 6.38 -8.36 10.01
CA ASP A 16 5.84 -7.41 9.03
C ASP A 16 6.01 -5.97 9.52
N LYS A 17 6.22 -5.78 10.81
CA LYS A 17 6.38 -4.41 11.33
C LYS A 17 7.81 -3.91 11.17
N LEU A 18 8.76 -4.82 11.03
CA LEU A 18 10.16 -4.40 10.93
C LEU A 18 10.48 -4.03 9.50
N VAL A 19 10.81 -2.78 9.19
CA VAL A 19 11.04 -2.45 7.79
C VAL A 19 12.50 -2.14 7.49
N TYR A 20 13.33 -2.14 8.53
CA TYR A 20 14.77 -1.95 8.35
C TYR A 20 15.53 -2.40 9.61
N ALA A 21 16.69 -3.01 9.41
CA ALA A 21 17.59 -3.30 10.50
C ALA A 21 19.00 -3.30 9.96
N ASP A 22 19.95 -2.72 10.71
CA ASP A 22 21.34 -2.81 10.26
C ASP A 22 21.89 -4.18 10.56
N THR A 23 23.14 -4.43 10.20
CA THR A 23 23.74 -5.75 10.29
CA THR A 23 23.65 -5.78 10.28
C THR A 23 23.71 -6.29 11.71
N CYS A 24 24.01 -5.41 12.66
CA CYS A 24 24.12 -5.82 14.08
CA CYS A 24 24.11 -5.86 14.06
C CYS A 24 22.81 -5.63 14.83
N PHE A 25 21.76 -5.23 14.13
CA PHE A 25 20.49 -4.96 14.80
C PHE A 25 20.68 -3.97 15.97
N SER A 26 21.54 -2.99 15.78
CA SER A 26 21.66 -1.90 16.73
C SER A 26 20.76 -0.74 16.31
N THR A 27 20.34 -0.72 15.04
CA THR A 27 19.34 0.25 14.58
C THR A 27 18.23 -0.51 13.86
N ILE A 28 16.98 -0.27 14.26
CA ILE A 28 15.84 -0.85 13.54
C ILE A 28 14.78 0.20 13.28
N LYS A 29 13.91 -0.05 12.30
CA LYS A 29 12.75 0.82 12.06
C LYS A 29 11.51 -0.02 12.06
N LEU A 30 10.48 0.46 12.74
CA LEU A 30 9.23 -0.26 12.83
C LEU A 30 8.18 0.59 12.14
N LYS A 31 7.24 -0.03 11.43
CA LYS A 31 6.18 0.73 10.80
C LYS A 31 4.83 0.48 11.48
N ALA A 32 3.99 1.51 11.49
CA ALA A 32 2.60 1.37 11.90
C ALA A 32 1.76 2.04 10.82
N GLU A 33 0.69 1.39 10.41
CA GLU A 33 -0.29 2.04 9.55
C GLU A 33 -1.47 2.49 10.40
N ASP A 34 -1.81 3.77 10.39
CA ASP A 34 -2.89 4.22 11.24
C ASP A 34 -4.28 3.86 10.69
N ALA A 35 -5.32 4.12 11.48
CA ALA A 35 -6.68 3.78 11.11
C ALA A 35 -7.11 4.48 9.82
N SER A 36 -6.35 5.49 9.41
CA SER A 36 -6.70 6.29 8.24
C SER A 36 -5.84 5.94 7.03
N GLY A 37 -5.04 4.88 7.15
CA GLY A 37 -4.25 4.39 6.02
C GLY A 37 -2.88 5.03 5.84
N ARG A 38 -2.49 5.90 6.77
CA ARG A 38 -1.16 6.53 6.70
C ARG A 38 -0.10 5.66 7.35
N GLU A 39 1.08 5.61 6.74
CA GLU A 39 2.20 4.87 7.30
C GLU A 39 3.08 5.79 8.16
N HIS A 40 3.49 5.32 9.34
CA HIS A 40 4.40 6.07 10.21
C HIS A 40 5.52 5.16 10.66
N LEU A 41 6.74 5.70 10.73
CA LEU A 41 7.89 4.91 11.12
C LEU A 41 8.46 5.41 12.43
N ILE A 42 8.98 4.49 13.23
CA ILE A 42 9.78 4.87 14.38
C ILE A 42 11.13 4.19 14.26
N THR A 43 12.20 4.97 14.38
CA THR A 43 13.54 4.42 14.37
C THR A 43 14.02 4.27 15.80
N LEU A 44 14.55 3.12 16.13
CA LEU A 44 15.12 2.87 17.45
C LEU A 44 16.58 2.51 17.33
N LYS A 45 17.39 3.06 18.23
CA LYS A 45 18.80 2.71 18.28
C LYS A 45 19.05 2.06 19.62
N LEU A 46 19.59 0.84 19.59
CA LEU A 46 19.68 0.00 20.78
C LEU A 46 21.12 -0.09 21.25
N LYS A 47 21.30 -0.36 22.53
CA LYS A 47 22.60 -0.76 23.05
C LYS A 47 22.52 -2.16 23.65
N ALA A 48 23.68 -2.80 23.88
CA ALA A 48 23.71 -4.13 24.48
C ALA A 48 23.01 -4.16 25.84
N LYS A 49 22.99 -3.02 26.53
CA LYS A 49 22.37 -2.91 27.85
C LYS A 49 20.84 -2.87 27.78
N TYR A 50 20.31 -2.88 26.57
CA TYR A 50 18.88 -3.08 26.39
C TYR A 50 18.45 -4.39 27.06
N PRO A 51 17.30 -4.40 27.75
CA PRO A 51 16.34 -3.31 27.97
C PRO A 51 16.58 -2.48 29.24
N ALA A 52 17.63 -2.78 29.99
CA ALA A 52 17.92 -2.00 31.18
C ALA A 52 18.07 -0.55 30.79
N GLU A 53 18.74 -0.30 29.67
CA GLU A 53 18.86 1.05 29.16
C GLU A 53 17.84 1.27 28.05
N SER A 54 16.99 2.28 28.20
CA SER A 54 16.02 2.62 27.16
CA SER A 54 16.02 2.63 27.16
C SER A 54 16.71 2.85 25.81
N PRO A 55 16.07 2.39 24.73
CA PRO A 55 16.63 2.70 23.40
C PRO A 55 16.44 4.17 23.11
N ASP A 56 17.28 4.74 22.25
CA ASP A 56 16.98 6.04 21.67
C ASP A 56 16.00 5.78 20.53
N TYR A 57 15.14 6.75 20.29
CA TYR A 57 14.15 6.61 19.22
C TYR A 57 13.80 7.94 18.61
N PHE A 58 13.34 7.87 17.38
CA PHE A 58 13.04 9.03 16.60
C PHE A 58 11.75 8.79 15.85
N VAL A 59 10.85 9.76 15.92
CA VAL A 59 9.58 9.71 15.22
C VAL A 59 9.39 10.99 14.43
N ASP A 60 8.36 11.01 13.60
CA ASP A 60 8.04 12.19 12.78
C ASP A 60 6.67 12.67 13.21
N PHE A 61 6.62 13.41 14.32
CA PHE A 61 5.37 13.87 14.92
C PHE A 61 5.45 15.37 15.08
N PRO A 62 4.30 16.05 15.12
CA PRO A 62 4.26 17.50 15.31
C PRO A 62 4.25 17.87 16.80
N VAL A 63 4.37 16.88 17.67
CA VAL A 63 4.47 17.09 19.12
C VAL A 63 5.57 16.18 19.67
N PRO A 64 6.07 16.46 20.89
CA PRO A 64 7.08 15.60 21.50
C PRO A 64 6.54 14.22 21.79
N PHE A 65 7.41 13.22 21.72
CA PHE A 65 7.01 11.87 22.05
C PHE A 65 8.07 11.37 23.01
N CYS A 66 7.67 11.00 24.20
CA CYS A 66 8.62 10.44 25.15
C CYS A 66 8.01 9.19 25.74
N ALA A 67 8.56 8.02 25.42
CA ALA A 67 7.98 6.78 25.89
C ALA A 67 8.24 6.55 27.39
N SER A 68 7.27 5.96 28.09
CA SER A 68 7.56 5.43 29.42
C SER A 68 8.33 4.13 29.18
N TRP A 69 9.44 3.96 29.88
CA TRP A 69 10.32 2.78 29.70
C TRP A 69 10.96 2.34 31.01
N THR A 70 10.92 1.04 31.29
CA THR A 70 11.61 0.46 32.44
C THR A 70 12.18 -0.88 31.98
N PRO A 71 13.02 -1.52 32.79
CA PRO A 71 13.60 -2.81 32.38
C PRO A 71 12.56 -3.89 32.09
N GLN A 72 11.29 -3.65 32.44
CA GLN A 72 10.22 -4.60 32.12
C GLN A 72 9.63 -4.34 30.73
N SER A 73 10.04 -3.25 30.08
CA SER A 73 9.52 -2.87 28.77
C SER A 73 10.08 -3.73 27.64
N SER A 74 9.44 -3.68 26.49
CA SER A 74 9.89 -4.38 25.29
C SER A 74 9.50 -3.57 24.06
N LEU A 75 9.88 -4.04 22.87
CA LEU A 75 9.49 -3.32 21.65
C LEU A 75 8.01 -3.08 21.65
N ILE A 76 7.27 -4.12 22.01
CA ILE A 76 5.81 -4.05 22.07
C ILE A 76 5.33 -2.86 22.92
N SER A 77 5.99 -2.59 24.04
CA SER A 77 5.50 -1.54 24.94
C SER A 77 5.74 -0.14 24.38
N ILE A 78 6.88 0.10 23.74
CA ILE A 78 7.04 1.40 23.13
C ILE A 78 6.22 1.50 21.85
N TYR A 79 6.07 0.38 21.16
CA TYR A 79 5.30 0.40 19.91
C TYR A 79 3.84 0.74 20.20
N SER A 80 3.32 0.23 21.31
CA SER A 80 1.95 0.49 21.72
CA SER A 80 1.94 0.52 21.67
C SER A 80 1.75 1.99 22.03
N GLN A 81 2.74 2.62 22.66
CA GLN A 81 2.62 4.05 22.98
C GLN A 81 2.66 4.85 21.71
N PHE A 82 3.49 4.39 20.78
CA PHE A 82 3.65 5.01 19.46
C PHE A 82 2.31 4.97 18.73
N LEU A 83 1.66 3.82 18.71
CA LEU A 83 0.32 3.70 18.09
C LEU A 83 -0.70 4.64 18.74
N ALA A 84 -0.69 4.70 20.08
CA ALA A 84 -1.63 5.57 20.76
C ALA A 84 -1.40 7.03 20.38
N ALA A 85 -0.14 7.44 20.30
CA ALA A 85 0.13 8.82 19.91
C ALA A 85 -0.36 9.06 18.48
N ILE A 86 -0.13 8.10 17.61
CA ILE A 86 -0.53 8.24 16.20
C ILE A 86 -2.04 8.43 16.10
N GLU A 87 -2.80 7.63 16.84
CA GLU A 87 -4.27 7.74 16.75
C GLU A 87 -4.76 9.04 17.36
N SER A 88 -4.05 9.55 18.35
CA SER A 88 -4.43 10.82 18.96
CA SER A 88 -4.40 10.81 18.98
C SER A 88 -4.23 11.97 18.00
N LEU A 89 -3.40 11.78 16.98
CA LEU A 89 -3.10 12.85 16.03
C LEU A 89 -3.89 12.71 14.73
N LYS A 90 -4.82 11.78 14.68
CA LYS A 90 -5.59 11.52 13.46
C LYS A 90 -6.24 12.79 12.91
N ALA A 91 -6.84 13.58 13.81
CA ALA A 91 -7.53 14.79 13.36
C ALA A 91 -6.57 15.79 12.72
N PHE A 92 -5.38 15.92 13.31
CA PHE A 92 -4.37 16.82 12.75
C PHE A 92 -3.96 16.41 11.35
N TRP A 93 -3.59 15.15 11.16
CA TRP A 93 -3.16 14.70 9.83
C TRP A 93 -4.31 14.68 8.82
N ASP A 94 -5.54 14.48 9.30
CA ASP A 94 -6.71 14.57 8.41
C ASP A 94 -6.83 15.98 7.85
N VAL A 95 -6.67 16.98 8.72
CA VAL A 95 -6.72 18.38 8.26
C VAL A 95 -5.59 18.69 7.28
N MET A 96 -4.36 18.30 7.61
CA MET A 96 -3.21 18.57 6.76
CA MET A 96 -3.22 18.58 6.74
C MET A 96 -3.28 17.81 5.43
N ASP A 97 -3.74 16.57 5.47
CA ASP A 97 -3.86 15.77 4.25
C ASP A 97 -4.77 16.49 3.24
N GLU A 98 -5.87 17.04 3.72
CA GLU A 98 -6.81 17.67 2.81
C GLU A 98 -6.21 18.91 2.19
N ILE A 99 -5.53 19.71 3.00
CA ILE A 99 -4.87 20.91 2.50
C ILE A 99 -3.83 20.54 1.46
N ASP A 100 -3.04 19.50 1.74
CA ASP A 100 -1.97 19.11 0.84
C ASP A 100 -2.51 18.53 -0.47
N GLU A 101 -3.66 17.88 -0.39
CA GLU A 101 -4.28 17.28 -1.57
C GLU A 101 -5.00 18.28 -2.46
N LYS A 102 -5.67 19.26 -1.85
CA LYS A 102 -6.60 20.11 -2.59
C LYS A 102 -6.11 21.53 -2.89
N THR A 103 -5.03 21.98 -2.25
CA THR A 103 -4.58 23.35 -2.50
C THR A 103 -3.17 23.41 -3.08
N TRP A 104 -2.76 24.59 -3.50
CA TRP A 104 -1.42 24.81 -3.99
C TRP A 104 -0.52 25.20 -2.82
N VAL A 105 0.20 24.23 -2.26
CA VAL A 105 1.06 24.48 -1.09
C VAL A 105 2.45 24.89 -1.54
N LEU A 106 2.86 26.09 -1.12
CA LEU A 106 4.18 26.60 -1.48
C LEU A 106 5.25 26.18 -0.49
N GLU A 107 4.82 25.95 0.76
CA GLU A 107 5.76 25.61 1.85
C GLU A 107 5.02 24.81 2.92
N PRO A 108 5.61 23.70 3.37
CA PRO A 108 6.84 23.07 2.88
C PRO A 108 6.63 22.42 1.52
N GLU A 109 7.71 22.16 0.79
CA GLU A 109 7.60 21.49 -0.50
C GLU A 109 7.10 20.05 -0.39
N LYS A 110 7.75 19.25 0.46
CA LYS A 110 7.29 17.89 0.74
C LYS A 110 7.19 17.75 2.26
N PRO A 111 6.08 18.22 2.83
CA PRO A 111 5.97 18.39 4.28
C PRO A 111 6.06 17.07 5.02
N PRO A 112 6.93 16.99 6.03
CA PRO A 112 6.94 15.83 6.92
C PRO A 112 5.70 15.87 7.79
N ARG A 113 5.44 14.78 8.49
CA ARG A 113 4.28 14.65 9.36
CA ARG A 113 4.23 14.72 9.30
C ARG A 113 4.37 15.59 10.56
N SER A 114 5.57 16.08 10.81
CA SER A 114 5.79 17.00 11.92
C SER A 114 5.42 18.45 11.59
N ALA A 115 5.18 18.76 10.32
CA ALA A 115 5.07 20.18 9.93
C ALA A 115 3.69 20.72 10.26
N THR A 116 3.65 21.77 11.06
CA THR A 116 2.37 22.33 11.50
C THR A 116 1.98 23.60 10.73
N ALA A 117 2.90 24.09 9.89
CA ALA A 117 2.63 25.30 9.10
C ALA A 117 2.47 24.99 7.62
N ARG A 118 1.66 25.80 6.93
CA ARG A 118 1.57 25.70 5.48
C ARG A 118 1.47 27.11 4.93
N ARG A 119 2.18 27.36 3.84
CA ARG A 119 1.95 28.58 3.06
C ARG A 119 1.19 28.16 1.84
N ILE A 120 -0.01 28.70 1.70
CA ILE A 120 -0.90 28.30 0.62
C ILE A 120 -1.15 29.45 -0.36
N ALA A 121 -0.92 29.20 -1.66
CA ALA A 121 -1.10 30.23 -2.67
C ALA A 121 -2.59 30.48 -2.92
N LEU A 122 -3.03 31.73 -2.88
CA LEU A 122 -4.42 32.08 -3.17
C LEU A 122 -4.54 32.59 -4.59
N GLY A 123 -3.39 32.61 -5.29
CA GLY A 123 -3.23 33.04 -6.67
C GLY A 123 -1.74 33.18 -6.98
N ASN A 124 -1.36 33.68 -8.14
CA ASN A 124 0.05 33.95 -8.39
C ASN A 124 0.62 35.15 -7.62
N ASN A 125 -0.22 35.84 -6.85
CA ASN A 125 0.20 37.13 -6.28
C ASN A 125 -0.20 37.35 -4.83
N VAL A 126 -0.59 36.27 -4.15
CA VAL A 126 -1.03 36.37 -2.77
C VAL A 126 -1.01 34.97 -2.16
N SER A 127 -0.62 34.87 -0.90
CA SER A 127 -0.67 33.60 -0.18
C SER A 127 -1.22 33.81 1.21
N ILE A 128 -1.66 32.72 1.82
CA ILE A 128 -1.98 32.75 3.24
C ILE A 128 -1.11 31.75 3.99
N ASN A 129 -0.62 32.17 5.14
CA ASN A 129 0.15 31.29 6.00
C ASN A 129 -0.75 30.83 7.12
N ILE A 130 -0.79 29.52 7.34
CA ILE A 130 -1.50 29.02 8.50
C ILE A 130 -0.53 28.28 9.42
N GLU A 131 -0.79 28.37 10.71
CA GLU A 131 -0.06 27.56 11.69
C GLU A 131 -1.11 26.82 12.47
N VAL A 132 -1.09 25.49 12.39
CA VAL A 132 -2.13 24.67 12.98
C VAL A 132 -1.66 24.06 14.30
N ASP A 133 -2.50 24.18 15.32
CA ASP A 133 -2.21 23.53 16.60
C ASP A 133 -2.60 22.05 16.53
N PRO A 134 -1.61 21.15 16.58
CA PRO A 134 -1.90 19.72 16.40
C PRO A 134 -2.82 19.18 17.49
N ARG A 135 -2.85 19.86 18.64
CA ARG A 135 -3.71 19.41 19.73
C ARG A 135 -5.12 19.94 19.58
N HIS A 136 -5.30 20.94 18.72
CA HIS A 136 -6.61 21.55 18.48
C HIS A 136 -6.72 21.96 17.02
N PRO A 137 -6.63 20.98 16.11
CA PRO A 137 -6.40 21.26 14.69
C PRO A 137 -7.55 21.91 13.95
N THR A 138 -8.76 21.92 14.50
CA THR A 138 -9.86 22.57 13.78
C THR A 138 -10.30 23.93 14.35
N MET A 139 -9.63 24.40 15.40
CA MET A 139 -9.85 25.76 15.88
C MET A 139 -9.30 26.74 14.85
N LEU A 140 -9.59 28.03 15.04
CA LEU A 140 -9.00 29.06 14.19
C LEU A 140 -7.47 29.06 14.36
N PRO A 141 -6.73 28.85 13.26
CA PRO A 141 -5.26 28.84 13.30
C PRO A 141 -4.70 30.26 13.23
N GLU A 142 -3.44 30.45 13.61
CA GLU A 142 -2.79 31.74 13.43
C GLU A 142 -2.51 31.88 11.95
N CYS A 143 -2.99 32.95 11.31
CA CYS A 143 -2.71 33.13 9.89
CA CYS A 143 -2.81 33.14 9.87
C CYS A 143 -2.33 34.56 9.54
N PHE A 144 -1.72 34.70 8.37
CA PHE A 144 -1.41 36.00 7.81
C PHE A 144 -1.30 35.92 6.29
N PHE A 145 -1.59 37.01 5.61
CA PHE A 145 -1.50 37.06 4.17
C PHE A 145 -0.16 37.65 3.73
N LEU A 146 0.32 37.20 2.58
CA LEU A 146 1.38 37.91 1.88
C LEU A 146 0.86 38.32 0.51
N GLY A 147 1.29 39.48 0.04
CA GLY A 147 0.87 40.00 -1.24
C GLY A 147 0.64 41.51 -1.15
N ALA A 148 0.50 42.15 -2.31
CA ALA A 148 0.30 43.58 -2.35
C ALA A 148 -1.00 43.95 -1.65
N ASP A 149 -1.06 45.15 -1.09
CA ASP A 149 -2.24 45.60 -0.36
C ASP A 149 -3.54 45.46 -1.14
N HIS A 150 -3.52 45.80 -2.43
CA HIS A 150 -4.77 45.79 -3.20
C HIS A 150 -5.33 44.39 -3.36
N VAL A 151 -4.45 43.38 -3.29
CA VAL A 151 -4.85 41.98 -3.35
C VAL A 151 -5.30 41.42 -2.00
N VAL A 152 -4.61 41.79 -0.92
CA VAL A 152 -4.95 41.24 0.39
C VAL A 152 -6.02 42.03 1.12
N LYS A 153 -6.14 43.33 0.87
CA LYS A 153 -7.13 44.14 1.58
C LYS A 153 -8.51 43.48 1.54
N PRO A 154 -9.00 43.13 0.33
CA PRO A 154 -10.31 42.47 0.23
C PRO A 154 -10.40 41.16 1.01
N LEU A 155 -9.34 40.35 1.00
CA LEU A 155 -9.34 39.10 1.75
C LEU A 155 -9.40 39.41 3.25
N GLY A 156 -8.57 40.36 3.68
CA GLY A 156 -8.52 40.75 5.06
C GLY A 156 -9.85 41.23 5.61
N ILE A 157 -10.64 41.92 4.79
CA ILE A 157 -11.94 42.42 5.22
CA ILE A 157 -11.93 42.42 5.25
C ILE A 157 -12.96 41.29 5.34
N LYS A 158 -12.96 40.38 4.38
CA LYS A 158 -13.86 39.24 4.43
C LYS A 158 -13.53 38.36 5.64
N LEU A 159 -12.23 38.24 5.95
CA LEU A 159 -11.81 37.41 7.07
C LEU A 159 -12.38 37.93 8.38
N SER A 160 -12.13 39.21 8.68
CA SER A 160 -12.57 39.77 9.94
C SER A 160 -14.09 39.83 10.01
N ARG A 161 -14.72 39.87 8.84
CA ARG A 161 -16.18 39.94 8.75
C ARG A 161 -16.84 38.58 8.97
N ASN A 162 -16.22 37.51 8.48
CA ASN A 162 -16.83 36.18 8.57
C ASN A 162 -16.18 35.27 9.59
N ILE A 163 -15.27 35.82 10.39
CA ILE A 163 -14.48 35.01 11.31
C ILE A 163 -15.35 34.25 12.32
N HIS A 164 -16.54 34.76 12.59
CA HIS A 164 -17.43 34.12 13.55
C HIS A 164 -18.04 32.82 13.01
N LEU A 165 -18.12 32.68 11.69
CA LEU A 165 -18.73 31.50 11.07
C LEU A 165 -17.89 30.22 11.15
N TRP A 166 -16.71 30.32 11.77
CA TRP A 166 -15.79 29.18 11.86
C TRP A 166 -16.39 28.01 12.61
N ASP A 167 -16.45 26.84 11.97
CA ASP A 167 -17.10 25.67 12.56
C ASP A 167 -16.09 24.55 12.79
N PRO A 168 -15.72 24.31 14.05
CA PRO A 168 -14.71 23.28 14.37
C PRO A 168 -15.14 21.88 13.95
N GLU A 169 -16.41 21.71 13.58
CA GLU A 169 -16.88 20.41 13.08
C GLU A 169 -16.53 20.26 11.60
N ASN A 170 -15.97 21.33 11.04
CA ASN A 170 -15.52 21.32 9.64
C ASN A 170 -14.01 21.43 9.53
N SER A 171 -13.47 20.99 8.40
CA SER A 171 -12.04 20.99 8.18
C SER A 171 -11.50 22.41 8.10
N VAL A 172 -10.20 22.56 8.28
CA VAL A 172 -9.59 23.88 8.18
C VAL A 172 -9.81 24.47 6.80
N LEU A 173 -9.63 23.66 5.75
CA LEU A 173 -9.84 24.15 4.40
C LEU A 173 -11.28 24.66 4.19
N GLN A 174 -12.25 23.86 4.63
CA GLN A 174 -13.65 24.24 4.41
C GLN A 174 -13.95 25.56 5.11
N ASN A 175 -13.48 25.71 6.35
CA ASN A 175 -13.70 26.93 7.09
C ASN A 175 -13.06 28.14 6.42
N LEU A 176 -11.87 27.95 5.85
CA LEU A 176 -11.21 29.05 5.16
C LEU A 176 -11.99 29.49 3.94
N LYS A 177 -12.50 28.52 3.20
CA LYS A 177 -13.34 28.86 2.06
C LYS A 177 -14.56 29.67 2.50
N ASP A 178 -15.19 29.25 3.58
CA ASP A 178 -16.42 29.90 4.06
C ASP A 178 -16.13 31.29 4.59
N VAL A 179 -14.98 31.46 5.21
CA VAL A 179 -14.63 32.75 5.77
C VAL A 179 -14.11 33.71 4.69
N LEU A 180 -13.25 33.22 3.81
CA LEU A 180 -12.67 34.05 2.77
C LEU A 180 -13.54 34.11 1.53
N GLU A 181 -14.57 33.26 1.48
CA GLU A 181 -15.45 33.18 0.32
C GLU A 181 -14.65 33.08 -0.97
N ILE A 182 -13.73 32.12 -1.05
CA ILE A 182 -12.91 31.94 -2.25
C ILE A 182 -12.78 30.50 -2.72
N ASP A 183 -12.11 30.33 -3.85
CA ASP A 183 -11.73 29.03 -4.36
C ASP A 183 -10.21 28.92 -4.38
N PHE A 184 -9.71 27.81 -3.89
CA PHE A 184 -8.27 27.59 -3.86
C PHE A 184 -7.79 27.02 -5.18
N PRO A 185 -6.75 27.64 -5.77
CA PRO A 185 -6.02 27.05 -6.89
C PRO A 185 -5.68 25.62 -6.52
N ALA A 186 -5.69 24.68 -7.46
CA ALA A 186 -5.44 23.28 -7.15
C ALA A 186 -3.98 23.01 -6.80
N GLN B 1 30.01 -14.90 13.30
CA GLN B 1 28.91 -13.95 13.46
C GLN B 1 27.82 -14.61 14.29
N PHE B 2 26.94 -13.81 14.86
CA PHE B 2 25.85 -14.40 15.62
C PHE B 2 24.69 -14.94 14.77
N TYR B 3 24.61 -14.53 13.50
CA TYR B 3 23.47 -14.88 12.63
C TYR B 3 23.86 -15.82 11.47
N SER B 4 22.87 -16.54 10.94
CA SER B 4 23.05 -17.56 9.87
C SER B 4 23.13 -16.95 8.46
N SER B 5 23.49 -17.70 7.39
CA SER B 5 23.59 -17.06 6.08
CA SER B 5 23.60 -17.07 6.09
C SER B 5 22.22 -16.54 5.69
N LEU B 6 21.17 -17.17 6.21
CA LEU B 6 19.80 -16.78 5.85
C LEU B 6 19.54 -15.35 6.30
N ILE B 7 19.95 -15.04 7.53
CA ILE B 7 19.71 -13.71 8.06
C ILE B 7 20.48 -12.65 7.28
N GLU B 8 21.69 -13.00 6.84
CA GLU B 8 22.46 -12.04 6.05
C GLU B 8 21.76 -11.79 4.71
N GLU B 9 21.29 -12.88 4.08
CA GLU B 9 20.47 -12.75 2.86
C GLU B 9 19.21 -11.89 3.03
N ILE B 10 18.49 -12.05 4.14
CA ILE B 10 17.27 -11.26 4.34
C ILE B 10 17.66 -9.80 4.49
N GLY B 11 18.75 -9.51 5.22
CA GLY B 11 19.21 -8.15 5.40
C GLY B 11 19.56 -7.49 4.08
N THR B 12 20.14 -8.26 3.17
CA THR B 12 20.46 -7.79 1.83
C THR B 12 19.21 -7.46 1.00
N LEU B 13 18.20 -8.33 1.04
CA LEU B 13 16.94 -8.03 0.36
C LEU B 13 16.27 -6.83 1.01
N GLY B 14 16.36 -6.72 2.33
CA GLY B 14 15.67 -5.67 3.07
C GLY B 14 14.65 -6.28 3.99
N TRP B 15 14.70 -5.93 5.27
CA TRP B 15 13.77 -6.50 6.22
C TRP B 15 12.35 -6.13 5.88
N ASP B 16 12.14 -5.05 5.14
CA ASP B 16 10.80 -4.66 4.71
C ASP B 16 10.17 -5.72 3.81
N LYS B 17 10.97 -6.57 3.19
CA LYS B 17 10.40 -7.63 2.36
C LYS B 17 9.90 -8.82 3.18
N LEU B 18 10.42 -8.99 4.40
CA LEU B 18 10.04 -10.18 5.16
C LEU B 18 8.75 -9.89 5.89
N VAL B 19 7.66 -10.60 5.61
CA VAL B 19 6.41 -10.26 6.26
C VAL B 19 5.95 -11.31 7.27
N TYR B 20 6.66 -12.42 7.32
CA TYR B 20 6.40 -13.46 8.32
C TYR B 20 7.61 -14.37 8.48
N ALA B 21 7.87 -14.81 9.71
CA ALA B 21 8.85 -15.85 9.98
C ALA B 21 8.40 -16.60 11.22
N ASP B 22 8.53 -17.92 11.23
CA ASP B 22 8.26 -18.67 12.46
C ASP B 22 9.41 -18.51 13.45
N THR B 23 9.29 -19.07 14.63
CA THR B 23 10.31 -18.84 15.65
C THR B 23 11.69 -19.31 15.21
N CYS B 24 11.76 -20.45 14.53
CA CYS B 24 13.05 -21.01 14.12
CA CYS B 24 13.07 -20.97 14.14
C CYS B 24 13.49 -20.51 12.75
N PHE B 25 12.69 -19.63 12.14
CA PHE B 25 12.99 -19.17 10.79
C PHE B 25 13.17 -20.35 9.83
N SER B 26 12.32 -21.36 10.00
CA SER B 26 12.33 -22.48 9.07
C SER B 26 11.27 -22.25 8.00
N THR B 27 10.31 -21.37 8.31
CA THR B 27 9.34 -20.88 7.32
C THR B 27 9.33 -19.35 7.29
N ILE B 28 9.47 -18.75 6.11
CA ILE B 28 9.40 -17.30 5.99
C ILE B 28 8.50 -16.93 4.80
N LYS B 29 7.98 -15.70 4.81
CA LYS B 29 7.25 -15.19 3.65
C LYS B 29 7.85 -13.88 3.24
N LEU B 30 8.10 -13.73 1.95
CA LEU B 30 8.65 -12.49 1.42
C LEU B 30 7.58 -11.83 0.57
N LYS B 31 7.51 -10.51 0.57
CA LYS B 31 6.53 -9.85 -0.28
C LYS B 31 7.22 -9.08 -1.40
N ALA B 32 6.54 -8.97 -2.53
CA ALA B 32 6.96 -8.10 -3.62
C ALA B 32 5.73 -7.32 -4.06
N GLU B 33 5.88 -6.03 -4.25
CA GLU B 33 4.81 -5.23 -4.85
C GLU B 33 5.15 -5.00 -6.31
N ASP B 34 4.25 -5.36 -7.22
CA ASP B 34 4.58 -5.22 -8.64
C ASP B 34 4.41 -3.80 -9.15
N ALA B 35 4.84 -3.57 -10.39
CA ALA B 35 4.85 -2.23 -10.96
C ALA B 35 3.44 -1.64 -11.00
N SER B 36 2.43 -2.50 -10.82
CA SER B 36 1.04 -2.10 -10.90
C SER B 36 0.38 -1.97 -9.54
N GLY B 37 1.15 -2.11 -8.48
CA GLY B 37 0.65 -1.87 -7.13
C GLY B 37 0.07 -3.09 -6.42
N ARG B 38 0.17 -4.26 -7.05
CA ARG B 38 -0.33 -5.48 -6.43
C ARG B 38 0.72 -6.11 -5.55
N GLU B 39 0.30 -6.64 -4.41
CA GLU B 39 1.21 -7.36 -3.52
C GLU B 39 1.20 -8.87 -3.82
N HIS B 40 2.37 -9.48 -3.87
CA HIS B 40 2.49 -10.93 -4.08
C HIS B 40 3.40 -11.52 -3.03
N LEU B 41 3.08 -12.71 -2.54
CA LEU B 41 3.89 -13.32 -1.48
C LEU B 41 4.50 -14.61 -1.97
N ILE B 42 5.73 -14.88 -1.53
CA ILE B 42 6.32 -16.20 -1.72
C ILE B 42 6.67 -16.79 -0.37
N THR B 43 6.21 -18.01 -0.11
CA THR B 43 6.53 -18.69 1.13
C THR B 43 7.67 -19.64 0.86
N LEU B 44 8.67 -19.62 1.73
CA LEU B 44 9.80 -20.52 1.60
C LEU B 44 9.93 -21.34 2.88
N LYS B 45 10.18 -22.64 2.71
CA LYS B 45 10.46 -23.48 3.84
C LYS B 45 11.89 -23.95 3.70
N LEU B 46 12.68 -23.67 4.73
CA LEU B 46 14.12 -23.89 4.70
C LEU B 46 14.43 -25.17 5.45
N LYS B 47 15.32 -25.98 4.88
CA LYS B 47 15.71 -27.22 5.52
C LYS B 47 16.98 -26.99 6.34
N ALA B 48 17.44 -28.05 6.99
CA ALA B 48 18.67 -27.97 7.77
C ALA B 48 19.88 -27.63 6.89
N LYS B 49 19.84 -28.11 5.65
CA LYS B 49 20.98 -27.96 4.74
C LYS B 49 20.90 -26.77 3.78
N TYR B 50 20.07 -25.77 4.12
CA TYR B 50 20.09 -24.51 3.39
C TYR B 50 21.40 -23.80 3.73
N PRO B 51 22.09 -23.22 2.73
CA PRO B 51 21.71 -23.08 1.31
C PRO B 51 22.29 -24.13 0.36
N ALA B 52 22.76 -25.26 0.88
CA ALA B 52 23.23 -26.32 0.00
C ALA B 52 22.05 -26.93 -0.75
N GLU B 53 21.01 -27.28 0.01
CA GLU B 53 19.79 -27.82 -0.56
C GLU B 53 18.73 -26.73 -0.77
N SER B 54 18.13 -26.68 -1.96
CA SER B 54 17.14 -25.66 -2.28
C SER B 54 15.98 -25.65 -1.29
N PRO B 55 15.50 -24.45 -0.93
CA PRO B 55 14.30 -24.38 -0.09
C PRO B 55 13.11 -24.84 -0.91
N ASP B 56 12.06 -25.31 -0.24
CA ASP B 56 10.74 -25.42 -0.87
C ASP B 56 10.12 -24.03 -0.89
N TYR B 57 9.43 -23.69 -1.97
CA TYR B 57 8.75 -22.41 -2.04
C TYR B 57 7.41 -22.50 -2.76
N PHE B 58 6.46 -21.68 -2.28
CA PHE B 58 5.10 -21.70 -2.79
C PHE B 58 4.71 -20.28 -3.18
N VAL B 59 4.13 -20.15 -4.37
CA VAL B 59 3.65 -18.87 -4.86
C VAL B 59 2.20 -19.01 -5.27
N ASP B 60 1.57 -17.88 -5.58
CA ASP B 60 0.18 -17.85 -6.06
C ASP B 60 0.19 -17.35 -7.50
N PHE B 61 0.49 -18.22 -8.47
CA PHE B 61 0.64 -17.83 -9.86
C PHE B 61 -0.28 -18.71 -10.69
N PRO B 62 -0.71 -18.22 -11.86
CA PRO B 62 -1.52 -19.03 -12.78
C PRO B 62 -0.65 -19.90 -13.70
N VAL B 63 0.66 -19.89 -13.48
CA VAL B 63 1.59 -20.76 -14.24
C VAL B 63 2.59 -21.37 -13.25
N PRO B 64 3.31 -22.43 -13.64
CA PRO B 64 4.35 -23.01 -12.77
C PRO B 64 5.48 -22.03 -12.48
N PHE B 65 6.08 -22.11 -11.28
CA PHE B 65 7.27 -21.30 -10.97
C PHE B 65 8.41 -22.24 -10.51
N CYS B 66 9.64 -21.89 -10.90
N CYS B 66 9.62 -22.00 -11.01
CA CYS B 66 10.84 -22.53 -10.36
CA CYS B 66 10.73 -22.90 -10.73
C CYS B 66 12.13 -21.80 -10.82
C CYS B 66 12.07 -22.18 -10.73
N ALA B 67 12.93 -21.34 -9.86
N ALA B 67 12.89 -22.44 -9.71
CA ALA B 67 14.18 -20.64 -10.17
CA ALA B 67 14.13 -21.68 -9.53
C ALA B 67 15.13 -21.52 -10.94
C ALA B 67 15.40 -22.54 -9.43
N SER B 68 16.06 -20.90 -11.66
N SER B 68 16.50 -21.88 -9.11
CA SER B 68 16.98 -21.63 -12.53
CA SER B 68 17.83 -22.48 -9.18
C SER B 68 17.93 -22.51 -11.71
C SER B 68 18.33 -23.05 -7.85
N TRP B 69 18.92 -23.11 -12.37
CA TRP B 69 19.89 -23.94 -11.66
C TRP B 69 21.18 -23.23 -11.29
N THR B 70 21.54 -23.36 -10.02
CA THR B 70 22.85 -22.94 -9.52
C THR B 70 23.30 -24.02 -8.55
N PRO B 71 24.62 -24.23 -8.44
CA PRO B 71 25.17 -25.24 -7.52
C PRO B 71 24.63 -25.12 -6.09
N GLN B 72 24.81 -23.98 -5.45
CA GLN B 72 24.12 -23.73 -4.19
C GLN B 72 22.95 -22.81 -4.51
N SER B 73 21.95 -22.78 -3.64
CA SER B 73 20.80 -21.89 -3.81
C SER B 73 21.10 -20.43 -3.42
N SER B 74 20.05 -19.62 -3.32
CA SER B 74 20.22 -18.21 -2.97
C SER B 74 18.90 -17.48 -2.89
N LEU B 75 18.48 -17.15 -1.67
CA LEU B 75 17.22 -16.44 -1.47
C LEU B 75 17.22 -15.22 -2.38
N ILE B 76 18.40 -14.60 -2.55
CA ILE B 76 18.55 -13.42 -3.41
C ILE B 76 18.12 -13.66 -4.85
N SER B 77 18.67 -14.73 -5.43
CA SER B 77 18.44 -15.02 -6.83
C SER B 77 17.00 -15.45 -7.00
N ILE B 78 16.48 -16.25 -6.06
CA ILE B 78 15.10 -16.69 -6.18
CA ILE B 78 15.10 -16.69 -6.11
C ILE B 78 14.11 -15.52 -6.09
N TYR B 79 14.32 -14.60 -5.16
CA TYR B 79 13.45 -13.42 -5.09
C TYR B 79 13.48 -12.66 -6.41
N SER B 80 14.67 -12.57 -7.01
N SER B 80 14.63 -12.67 -7.08
CA SER B 80 14.85 -11.76 -8.21
CA SER B 80 14.71 -11.97 -8.37
C SER B 80 14.02 -12.26 -9.35
C SER B 80 14.08 -12.79 -9.53
N GLN B 81 14.04 -13.57 -9.52
N GLN B 81 14.00 -14.11 -9.37
CA GLN B 81 13.26 -14.21 -10.55
CA GLN B 81 13.30 -14.98 -10.32
C GLN B 81 11.78 -14.12 -10.20
C GLN B 81 11.80 -14.97 -10.03
N PHE B 82 11.44 -14.33 -8.92
CA PHE B 82 10.04 -14.24 -8.48
C PHE B 82 9.55 -12.89 -9.00
N LEU B 83 10.37 -11.86 -8.85
CA LEU B 83 10.01 -10.54 -9.39
C LEU B 83 9.85 -10.57 -10.91
N ALA B 84 10.72 -11.30 -11.60
CA ALA B 84 10.67 -11.35 -13.06
C ALA B 84 9.40 -12.06 -13.51
N ALA B 85 9.07 -13.15 -12.84
CA ALA B 85 7.85 -13.86 -13.15
C ALA B 85 6.65 -12.95 -12.90
N ILE B 86 6.68 -12.19 -11.81
CA ILE B 86 5.55 -11.32 -11.50
C ILE B 86 5.37 -10.28 -12.60
N GLU B 87 6.47 -9.72 -13.10
CA GLU B 87 6.34 -8.68 -14.12
C GLU B 87 5.87 -9.28 -15.47
N SER B 88 6.25 -10.52 -15.72
CA SER B 88 5.84 -11.23 -16.91
C SER B 88 4.34 -11.45 -16.94
N LEU B 89 3.71 -11.46 -15.77
CA LEU B 89 2.29 -11.73 -15.67
C LEU B 89 1.47 -10.45 -15.50
N LYS B 90 2.09 -9.29 -15.63
CA LYS B 90 1.37 -8.04 -15.43
C LYS B 90 0.11 -7.93 -16.29
N ALA B 91 0.22 -8.30 -17.57
CA ALA B 91 -0.91 -8.20 -18.49
C ALA B 91 -2.05 -9.10 -18.04
N PHE B 92 -1.73 -10.29 -17.56
CA PHE B 92 -2.77 -11.22 -17.13
C PHE B 92 -3.52 -10.65 -15.93
N TRP B 93 -2.80 -10.20 -14.92
CA TRP B 93 -3.49 -9.63 -13.75
C TRP B 93 -4.23 -8.31 -14.03
N ASP B 94 -3.70 -7.52 -14.98
CA ASP B 94 -4.41 -6.32 -15.43
C ASP B 94 -5.78 -6.69 -16.00
N VAL B 95 -5.83 -7.73 -16.84
CA VAL B 95 -7.08 -8.17 -17.43
C VAL B 95 -8.04 -8.67 -16.35
N MET B 96 -7.55 -9.52 -15.45
CA MET B 96 -8.39 -10.08 -14.39
CA MET B 96 -8.41 -10.07 -14.40
C MET B 96 -8.86 -9.01 -13.40
N ASP B 97 -8.00 -8.07 -13.09
CA ASP B 97 -8.35 -7.02 -12.15
C ASP B 97 -9.58 -6.26 -12.68
N GLU B 98 -9.57 -5.94 -13.96
CA GLU B 98 -10.65 -5.15 -14.54
C GLU B 98 -11.97 -5.92 -14.50
N ILE B 99 -11.90 -7.20 -14.84
CA ILE B 99 -13.07 -8.05 -14.80
C ILE B 99 -13.62 -8.13 -13.37
N ASP B 100 -12.74 -8.29 -12.40
CA ASP B 100 -13.17 -8.44 -11.02
C ASP B 100 -13.75 -7.12 -10.47
N GLU B 101 -13.26 -6.00 -11.00
CA GLU B 101 -13.68 -4.69 -10.49
C GLU B 101 -14.98 -4.25 -11.11
N LYS B 102 -15.19 -4.56 -12.38
CA LYS B 102 -16.29 -3.97 -13.12
C LYS B 102 -17.47 -4.89 -13.39
N THR B 103 -17.34 -6.20 -13.17
CA THR B 103 -18.45 -7.09 -13.52
C THR B 103 -18.95 -7.89 -12.33
N TRP B 104 -20.00 -8.66 -12.56
CA TRP B 104 -20.58 -9.49 -11.51
C TRP B 104 -20.05 -10.91 -11.64
N VAL B 105 -19.04 -11.22 -10.84
CA VAL B 105 -18.40 -12.54 -10.90
C VAL B 105 -19.11 -13.55 -10.02
N LEU B 106 -19.62 -14.62 -10.63
CA LEU B 106 -20.29 -15.67 -9.87
C LEU B 106 -19.29 -16.65 -9.26
N GLU B 107 -18.28 -17.03 -10.06
CA GLU B 107 -17.26 -17.96 -9.61
C GLU B 107 -15.95 -17.56 -10.27
N PRO B 108 -14.84 -17.77 -9.56
CA PRO B 108 -14.81 -18.22 -8.15
C PRO B 108 -15.16 -17.11 -7.17
N GLU B 109 -15.47 -17.48 -5.93
CA GLU B 109 -15.60 -16.49 -4.86
C GLU B 109 -14.18 -16.17 -4.43
N LYS B 110 -13.88 -14.88 -4.24
CA LYS B 110 -12.54 -14.44 -3.84
C LYS B 110 -11.45 -15.17 -4.62
N PRO B 111 -11.27 -14.80 -5.90
CA PRO B 111 -10.29 -15.50 -6.76
C PRO B 111 -8.85 -15.22 -6.35
N PRO B 112 -8.05 -16.28 -6.20
CA PRO B 112 -6.61 -16.11 -5.99
C PRO B 112 -5.95 -15.66 -7.28
N ARG B 113 -4.69 -15.27 -7.19
CA ARG B 113 -3.98 -14.75 -8.35
C ARG B 113 -3.73 -15.85 -9.36
N SER B 114 -3.93 -17.09 -8.94
CA SER B 114 -3.69 -18.24 -9.82
C SER B 114 -4.89 -18.56 -10.70
N ALA B 115 -6.05 -17.99 -10.41
CA ALA B 115 -7.29 -18.40 -11.09
C ALA B 115 -7.41 -17.82 -12.48
N THR B 116 -7.50 -18.68 -13.48
CA THR B 116 -7.55 -18.25 -14.88
C THR B 116 -8.97 -18.23 -15.43
N ALA B 117 -9.94 -18.67 -14.63
CA ALA B 117 -11.31 -18.76 -15.12
C ALA B 117 -12.20 -17.77 -14.37
N ARG B 118 -13.22 -17.26 -15.03
CA ARG B 118 -14.25 -16.47 -14.37
C ARG B 118 -15.60 -16.83 -14.95
N ARG B 119 -16.60 -17.02 -14.10
CA ARG B 119 -17.97 -17.16 -14.59
C ARG B 119 -18.67 -15.85 -14.25
N ILE B 120 -19.09 -15.12 -15.28
CA ILE B 120 -19.58 -13.74 -15.12
C ILE B 120 -21.07 -13.67 -15.45
N ALA B 121 -21.85 -13.05 -14.57
CA ALA B 121 -23.29 -12.96 -14.75
C ALA B 121 -23.62 -11.91 -15.79
N LEU B 122 -24.47 -12.27 -16.75
CA LEU B 122 -24.87 -11.34 -17.80
C LEU B 122 -26.29 -10.84 -17.60
N GLY B 123 -27.06 -11.49 -16.74
CA GLY B 123 -28.45 -11.14 -16.64
C GLY B 123 -29.20 -12.25 -15.97
N ASN B 124 -30.52 -12.14 -15.95
CA ASN B 124 -31.29 -13.13 -15.23
C ASN B 124 -31.05 -14.52 -15.79
N ASN B 125 -30.39 -15.33 -14.97
CA ASN B 125 -30.13 -16.72 -15.28
C ASN B 125 -29.25 -16.95 -16.51
N VAL B 126 -28.49 -15.93 -16.90
CA VAL B 126 -27.50 -16.14 -17.94
C VAL B 126 -26.10 -15.71 -17.46
N SER B 127 -25.11 -16.55 -17.73
CA SER B 127 -23.73 -16.20 -17.41
C SER B 127 -22.80 -16.60 -18.55
N ILE B 128 -21.59 -16.05 -18.56
CA ILE B 128 -20.57 -16.48 -19.50
C ILE B 128 -19.35 -16.98 -18.72
N ASN B 129 -18.85 -18.15 -19.10
CA ASN B 129 -17.60 -18.65 -18.52
C ASN B 129 -16.45 -18.35 -19.45
N ILE B 130 -15.42 -17.68 -18.94
CA ILE B 130 -14.22 -17.39 -19.74
C ILE B 130 -13.01 -18.00 -19.09
N GLU B 131 -12.17 -18.58 -19.92
CA GLU B 131 -10.91 -19.12 -19.47
C GLU B 131 -9.84 -18.31 -20.19
N VAL B 132 -9.04 -17.58 -19.44
CA VAL B 132 -8.03 -16.69 -19.98
C VAL B 132 -6.67 -17.40 -20.00
N ASP B 133 -5.92 -17.23 -21.08
CA ASP B 133 -4.55 -17.80 -21.14
C ASP B 133 -3.60 -16.79 -20.53
N PRO B 134 -2.98 -17.12 -19.39
CA PRO B 134 -2.22 -16.10 -18.64
C PRO B 134 -1.01 -15.60 -19.39
N ARG B 135 -0.52 -16.37 -20.36
CA ARG B 135 0.60 -15.91 -21.20
C ARG B 135 0.13 -15.15 -22.45
N HIS B 136 -1.17 -15.13 -22.73
CA HIS B 136 -1.72 -14.37 -23.87
C HIS B 136 -3.07 -13.84 -23.46
N PRO B 137 -3.09 -13.02 -22.40
CA PRO B 137 -4.33 -12.68 -21.71
C PRO B 137 -5.22 -11.72 -22.47
N THR B 138 -4.74 -11.09 -23.54
CA THR B 138 -5.65 -10.17 -24.24
C THR B 138 -6.26 -10.75 -25.49
N MET B 139 -5.94 -12.01 -25.79
CA MET B 139 -6.55 -12.69 -26.92
C MET B 139 -7.96 -13.17 -26.57
N LEU B 140 -8.68 -13.72 -27.53
CA LEU B 140 -10.00 -14.27 -27.25
C LEU B 140 -9.93 -15.41 -26.27
N PRO B 141 -10.58 -15.25 -25.10
CA PRO B 141 -10.57 -16.34 -24.12
C PRO B 141 -11.46 -17.49 -24.61
N GLU B 142 -11.34 -18.67 -24.02
CA GLU B 142 -12.32 -19.71 -24.31
C GLU B 142 -13.62 -19.29 -23.64
N CYS B 143 -14.69 -19.17 -24.42
CA CYS B 143 -15.98 -18.75 -23.88
C CYS B 143 -16.97 -19.89 -23.90
N PHE B 144 -17.81 -19.93 -22.87
CA PHE B 144 -18.88 -20.91 -22.81
C PHE B 144 -20.10 -20.22 -22.21
N PHE B 145 -21.23 -20.32 -22.91
CA PHE B 145 -22.45 -19.62 -22.48
C PHE B 145 -23.34 -20.52 -21.67
N LEU B 146 -23.66 -20.08 -20.45
CA LEU B 146 -24.51 -20.87 -19.57
C LEU B 146 -25.90 -20.23 -19.51
N GLY B 147 -26.88 -20.86 -20.15
CA GLY B 147 -28.25 -20.39 -20.11
C GLY B 147 -29.11 -20.96 -21.23
N ALA B 148 -30.37 -20.52 -21.26
CA ALA B 148 -31.32 -21.05 -22.23
C ALA B 148 -30.97 -20.67 -23.67
N ASP B 149 -31.32 -21.54 -24.61
CA ASP B 149 -31.06 -21.31 -26.01
C ASP B 149 -31.57 -19.96 -26.51
N HIS B 150 -32.68 -19.48 -25.97
CA HIS B 150 -33.28 -18.22 -26.44
CA HIS B 150 -33.25 -18.23 -26.50
C HIS B 150 -32.34 -17.03 -26.28
N VAL B 151 -31.47 -17.10 -25.27
CA VAL B 151 -30.51 -16.02 -25.01
C VAL B 151 -29.10 -16.33 -25.50
N VAL B 152 -28.65 -17.56 -25.29
CA VAL B 152 -27.26 -17.89 -25.62
C VAL B 152 -27.03 -18.21 -27.10
N LYS B 153 -28.05 -18.69 -27.80
CA LYS B 153 -27.86 -18.98 -29.23
C LYS B 153 -27.51 -17.72 -30.03
N PRO B 154 -28.25 -16.62 -29.80
CA PRO B 154 -27.90 -15.35 -30.44
C PRO B 154 -26.52 -14.83 -30.02
N LEU B 155 -26.12 -15.05 -28.77
CA LEU B 155 -24.79 -14.61 -28.36
C LEU B 155 -23.73 -15.40 -29.14
N GLY B 156 -23.97 -16.69 -29.33
CA GLY B 156 -23.04 -17.52 -30.07
C GLY B 156 -22.92 -17.05 -31.50
N ILE B 157 -24.03 -16.61 -32.07
CA ILE B 157 -24.06 -16.09 -33.43
CA ILE B 157 -24.06 -16.10 -33.43
C ILE B 157 -23.29 -14.78 -33.52
N LYS B 158 -23.53 -13.87 -32.58
CA LYS B 158 -22.78 -12.62 -32.58
C LYS B 158 -21.30 -12.91 -32.40
N LEU B 159 -20.95 -13.83 -31.52
CA LEU B 159 -19.55 -14.14 -31.29
C LEU B 159 -18.86 -14.55 -32.59
N SER B 160 -19.47 -15.44 -33.36
CA SER B 160 -18.87 -15.90 -34.62
CA SER B 160 -18.85 -15.89 -34.59
C SER B 160 -18.86 -14.79 -35.66
N ARG B 161 -19.94 -14.03 -35.72
CA ARG B 161 -20.04 -12.97 -36.73
C ARG B 161 -19.12 -11.79 -36.47
N ASN B 162 -18.96 -11.43 -35.20
CA ASN B 162 -18.20 -10.24 -34.83
C ASN B 162 -16.77 -10.50 -34.38
N ILE B 163 -16.31 -11.75 -34.46
CA ILE B 163 -15.01 -12.12 -33.89
CA ILE B 163 -15.01 -12.13 -33.90
C ILE B 163 -13.89 -11.27 -34.49
N HIS B 164 -14.09 -10.80 -35.71
CA HIS B 164 -13.06 -10.01 -36.37
C HIS B 164 -12.89 -8.70 -35.61
N LEU B 165 -13.86 -8.33 -34.78
CA LEU B 165 -13.70 -7.08 -34.03
C LEU B 165 -12.71 -7.26 -32.87
N TRP B 166 -12.41 -8.49 -32.49
CA TRP B 166 -11.59 -8.70 -31.29
C TRP B 166 -10.25 -7.99 -31.44
N ASP B 167 -9.94 -7.11 -30.51
CA ASP B 167 -8.71 -6.32 -30.64
C ASP B 167 -7.76 -6.56 -29.47
N PRO B 168 -6.66 -7.30 -29.69
CA PRO B 168 -5.77 -7.71 -28.59
C PRO B 168 -5.15 -6.50 -27.90
N GLU B 169 -5.26 -5.33 -28.51
CA GLU B 169 -4.76 -4.11 -27.89
C GLU B 169 -5.77 -3.56 -26.87
N ASN B 170 -6.92 -4.22 -26.77
CA ASN B 170 -7.94 -3.87 -25.78
C ASN B 170 -8.10 -4.97 -24.75
N SER B 171 -8.69 -4.61 -23.61
CA SER B 171 -8.88 -5.56 -22.52
C SER B 171 -9.92 -6.62 -22.88
N VAL B 172 -9.88 -7.74 -22.15
CA VAL B 172 -10.84 -8.80 -22.39
C VAL B 172 -12.26 -8.26 -22.20
N LEU B 173 -12.48 -7.48 -21.14
CA LEU B 173 -13.82 -6.94 -20.89
C LEU B 173 -14.28 -6.08 -22.06
N GLN B 174 -13.43 -5.19 -22.52
CA GLN B 174 -13.83 -4.27 -23.58
C GLN B 174 -14.21 -5.03 -24.84
N ASN B 175 -13.39 -6.01 -25.20
CA ASN B 175 -13.63 -6.83 -26.37
C ASN B 175 -14.94 -7.60 -26.25
N LEU B 176 -15.24 -8.12 -25.06
CA LEU B 176 -16.51 -8.83 -24.88
C LEU B 176 -17.71 -7.90 -25.09
N LYS B 177 -17.62 -6.68 -24.56
CA LYS B 177 -18.69 -5.70 -24.75
C LYS B 177 -18.89 -5.47 -26.24
N ASP B 178 -17.80 -5.33 -26.97
CA ASP B 178 -17.86 -4.99 -28.40
C ASP B 178 -18.32 -6.16 -29.26
N VAL B 179 -17.78 -7.34 -29.03
CA VAL B 179 -18.05 -8.49 -29.89
C VAL B 179 -19.43 -9.11 -29.64
N LEU B 180 -19.88 -9.11 -28.40
CA LEU B 180 -21.17 -9.69 -28.04
C LEU B 180 -22.28 -8.65 -28.07
N GLU B 181 -21.90 -7.39 -28.20
CA GLU B 181 -22.86 -6.29 -28.23
C GLU B 181 -23.77 -6.30 -27.02
N ILE B 182 -23.18 -6.37 -25.83
CA ILE B 182 -23.94 -6.37 -24.59
C ILE B 182 -23.31 -5.49 -23.52
N ASP B 183 -24.06 -5.28 -22.46
CA ASP B 183 -23.58 -4.61 -21.26
C ASP B 183 -23.48 -5.66 -20.16
N PHE B 184 -22.49 -5.52 -19.29
CA PHE B 184 -22.35 -6.44 -18.17
C PHE B 184 -22.97 -5.79 -16.94
N PRO B 185 -23.83 -6.53 -16.23
CA PRO B 185 -24.34 -6.08 -14.93
C PRO B 185 -23.15 -5.75 -14.03
N ALA B 186 -23.29 -4.79 -13.13
CA ALA B 186 -22.19 -4.40 -12.25
C ALA B 186 -22.04 -5.33 -11.06
#